data_6CHM
#
_entry.id   6CHM
#
_cell.length_a   135.386
_cell.length_b   135.386
_cell.length_c   135.386
_cell.angle_alpha   90.000
_cell.angle_beta   90.000
_cell.angle_gamma   90.000
#
_symmetry.space_group_name_H-M   'I 2 3'
#
loop_
_entity.id
_entity.type
_entity.pdbx_description
1 polymer 'Phosphopantetheine adenylyltransferase'
2 non-polymer N-[2-(5-methoxy-1H-indol-3-yl)ethyl]-2,2-dimethylpropanamide
3 non-polymer 'SULFATE ION'
4 water water
#
_entity_poly.entity_id   1
_entity_poly.type   'polypeptide(L)'
_entity_poly.pdbx_seq_one_letter_code
;MQKRAIYPGTFDPITNGHIDIVTRATQMFDHVILAIAASPSKKPMFTLEERVALAQQATAHLGNVEVVGFSDLMANFARN
QHATVLIRGLRAVADFEYEMQLAHMNRHLMPELESVFLMPSKEWSFISSSLVKEVARHQGDVTHFLPENVHQALMAKLAV
D
;
_entity_poly.pdbx_strand_id   A,B
#
loop_
_chem_comp.id
_chem_comp.type
_chem_comp.name
_chem_comp.formula
F1V non-polymer N-[2-(5-methoxy-1H-indol-3-yl)ethyl]-2,2-dimethylpropanamide 'C16 H22 N2 O2'
SO4 non-polymer 'SULFATE ION' 'O4 S -2'
#
# COMPACT_ATOMS: atom_id res chain seq x y z
N GLN A 2 5.44 11.94 15.14
CA GLN A 2 4.98 10.64 15.64
C GLN A 2 3.81 10.06 14.77
N LYS A 3 4.14 9.14 13.84
CA LYS A 3 3.19 8.52 12.91
C LYS A 3 2.75 7.16 13.44
N ARG A 4 1.45 7.03 13.76
CA ARG A 4 0.88 5.83 14.37
C ARG A 4 0.07 5.06 13.35
N ALA A 5 0.46 3.81 13.15
CA ALA A 5 -0.18 2.90 12.22
C ALA A 5 -0.83 1.76 12.96
N ILE A 6 -1.90 1.20 12.40
CA ILE A 6 -2.61 0.04 12.95
C ILE A 6 -2.58 -1.08 11.90
N TYR A 7 -2.29 -2.28 12.33
CA TYR A 7 -2.29 -3.49 11.51
C TYR A 7 -3.37 -4.42 12.08
N PRO A 8 -4.64 -4.32 11.62
CA PRO A 8 -5.69 -5.19 12.17
C PRO A 8 -5.80 -6.55 11.49
N GLY A 9 -6.46 -7.48 12.16
CA GLY A 9 -6.71 -8.83 11.65
C GLY A 9 -7.15 -9.76 12.75
N THR A 10 -7.47 -11.01 12.37
CA THR A 10 -7.87 -12.07 13.31
C THR A 10 -6.64 -12.71 13.94
N PHE A 11 -5.55 -12.90 13.13
CA PHE A 11 -4.27 -13.47 13.60
C PHE A 11 -4.54 -14.75 14.37
N ASP A 12 -5.23 -15.70 13.71
CA ASP A 12 -5.64 -16.97 14.29
C ASP A 12 -4.98 -18.21 13.65
N PRO A 13 -3.69 -18.51 13.93
CA PRO A 13 -2.74 -17.75 14.76
C PRO A 13 -1.91 -16.81 13.90
N ILE A 14 -1.09 -15.96 14.55
CA ILE A 14 -0.14 -15.09 13.86
C ILE A 14 0.90 -16.01 13.13
N THR A 15 1.19 -15.72 11.87
CA THR A 15 2.14 -16.52 11.07
C THR A 15 3.39 -15.69 10.75
N ASN A 16 4.38 -16.29 10.06
CA ASN A 16 5.59 -15.60 9.60
C ASN A 16 5.27 -14.54 8.56
N GLY A 17 4.15 -14.71 7.85
CA GLY A 17 3.63 -13.73 6.88
C GLY A 17 3.19 -12.45 7.57
N HIS A 18 2.50 -12.58 8.71
CA HIS A 18 2.08 -11.44 9.55
C HIS A 18 3.30 -10.77 10.19
N ILE A 19 4.28 -11.55 10.63
CA ILE A 19 5.51 -11.02 11.25
C ILE A 19 6.27 -10.19 10.20
N ASP A 20 6.37 -10.71 8.95
CA ASP A 20 6.96 -10.02 7.82
C ASP A 20 6.30 -8.63 7.60
N ILE A 21 4.96 -8.59 7.45
CA ILE A 21 4.18 -7.36 7.25
C ILE A 21 4.38 -6.36 8.41
N VAL A 22 4.23 -6.81 9.66
CA VAL A 22 4.39 -5.92 10.81
C VAL A 22 5.84 -5.41 10.93
N THR A 23 6.85 -6.22 10.55
CA THR A 23 8.27 -5.80 10.56
C THR A 23 8.47 -4.69 9.52
N ARG A 24 7.88 -4.84 8.32
CA ARG A 24 7.96 -3.79 7.27
C ARG A 24 7.28 -2.51 7.75
N ALA A 25 6.12 -2.62 8.40
CA ALA A 25 5.37 -1.50 8.96
C ALA A 25 6.20 -0.72 10.02
N THR A 26 6.95 -1.43 10.89
CA THR A 26 7.77 -0.82 11.95
C THR A 26 8.97 -0.06 11.40
N GLN A 27 9.43 -0.42 10.20
CA GLN A 27 10.57 0.22 9.55
C GLN A 27 10.11 1.51 8.84
N MET A 28 8.80 1.65 8.66
CA MET A 28 8.18 2.78 7.97
C MET A 28 7.50 3.79 8.88
N PHE A 29 6.88 3.30 9.97
CA PHE A 29 6.10 4.12 10.90
C PHE A 29 6.65 4.03 12.31
N ASP A 30 6.56 5.13 13.06
CA ASP A 30 7.09 5.26 14.42
C ASP A 30 6.48 4.29 15.42
N HIS A 31 5.17 4.12 15.40
CA HIS A 31 4.48 3.21 16.30
C HIS A 31 3.46 2.39 15.53
N VAL A 32 3.53 1.07 15.73
CA VAL A 32 2.64 0.15 15.04
C VAL A 32 1.81 -0.63 16.03
N ILE A 33 0.49 -0.49 15.94
CA ILE A 33 -0.44 -1.23 16.78
C ILE A 33 -0.87 -2.46 16.02
N LEU A 34 -0.52 -3.66 16.52
CA LEU A 34 -0.97 -4.90 15.89
C LEU A 34 -2.28 -5.17 16.63
N ALA A 35 -3.40 -4.97 15.94
CA ALA A 35 -4.75 -5.02 16.51
C ALA A 35 -5.45 -6.30 16.19
N ILE A 36 -5.74 -7.09 17.22
CA ILE A 36 -6.34 -8.40 17.09
C ILE A 36 -7.83 -8.33 17.32
N ALA A 37 -8.60 -8.63 16.28
CA ALA A 37 -10.06 -8.61 16.32
C ALA A 37 -10.62 -9.77 17.11
N ALA A 38 -11.62 -9.54 17.97
CA ALA A 38 -12.26 -10.62 18.74
C ALA A 38 -12.77 -11.70 17.75
N SER A 39 -13.35 -11.27 16.60
CA SER A 39 -13.82 -12.09 15.46
C SER A 39 -14.59 -13.35 15.86
N PRO A 40 -15.69 -13.26 16.67
CA PRO A 40 -16.42 -14.49 17.04
C PRO A 40 -17.18 -15.16 15.88
N SER A 41 -17.50 -14.40 14.80
CA SER A 41 -18.22 -14.88 13.60
C SER A 41 -17.43 -15.95 12.85
N LYS A 42 -16.10 -15.82 12.83
CA LYS A 42 -15.17 -16.73 12.19
C LYS A 42 -14.97 -18.00 13.02
N LYS A 43 -15.36 -17.95 14.33
CA LYS A 43 -15.19 -19.02 15.34
C LYS A 43 -13.69 -19.41 15.36
N PRO A 44 -12.83 -18.55 15.95
CA PRO A 44 -11.38 -18.83 15.88
C PRO A 44 -10.92 -20.02 16.71
N MET A 45 -9.81 -20.66 16.27
CA MET A 45 -9.18 -21.78 16.97
C MET A 45 -8.68 -21.31 18.35
N PHE A 46 -8.02 -20.13 18.38
CA PHE A 46 -7.47 -19.53 19.57
C PHE A 46 -8.34 -18.40 20.04
N THR A 47 -8.51 -18.25 21.39
CA THR A 47 -9.29 -17.16 21.99
C THR A 47 -8.53 -15.83 21.76
N LEU A 48 -9.20 -14.69 22.00
CA LEU A 48 -8.59 -13.39 21.85
C LEU A 48 -7.35 -13.27 22.75
N GLU A 49 -7.45 -13.74 24.01
CA GLU A 49 -6.36 -13.74 24.99
C GLU A 49 -5.16 -14.55 24.52
N GLU A 50 -5.40 -15.76 23.97
CA GLU A 50 -4.34 -16.63 23.40
C GLU A 50 -3.67 -15.95 22.20
N ARG A 51 -4.50 -15.40 21.28
CA ARG A 51 -4.04 -14.70 20.08
C ARG A 51 -3.18 -13.49 20.43
N VAL A 52 -3.59 -12.68 21.43
CA VAL A 52 -2.83 -11.52 21.93
C VAL A 52 -1.49 -11.97 22.54
N ALA A 53 -1.51 -12.97 23.45
CA ALA A 53 -0.31 -13.50 24.10
C ALA A 53 0.68 -14.04 23.06
N LEU A 54 0.18 -14.81 22.06
CA LEU A 54 1.05 -15.37 21.02
C LEU A 54 1.72 -14.28 20.19
N ALA A 55 0.94 -13.23 19.79
CA ALA A 55 1.44 -12.13 18.99
C ALA A 55 2.40 -11.25 19.77
N GLN A 56 2.11 -11.03 21.07
CA GLN A 56 2.99 -10.26 21.97
C GLN A 56 4.37 -10.88 22.00
N GLN A 57 4.45 -12.17 22.32
CA GLN A 57 5.68 -12.95 22.35
C GLN A 57 6.39 -13.02 20.96
N ALA A 58 5.64 -13.22 19.87
CA ALA A 58 6.22 -13.29 18.51
C ALA A 58 6.72 -11.92 17.96
N THR A 59 6.32 -10.81 18.58
CA THR A 59 6.74 -9.47 18.12
C THR A 59 7.58 -8.72 19.18
N ALA A 60 7.85 -9.36 20.33
CA ALA A 60 8.60 -8.80 21.45
C ALA A 60 9.94 -8.16 21.07
N HIS A 61 10.63 -8.70 20.03
CA HIS A 61 11.90 -8.23 19.50
C HIS A 61 11.77 -6.91 18.72
N LEU A 62 10.53 -6.49 18.42
CA LEU A 62 10.22 -5.24 17.72
C LEU A 62 9.75 -4.21 18.75
N GLY A 63 10.64 -3.29 19.08
CA GLY A 63 10.40 -2.26 20.09
C GLY A 63 9.24 -1.31 19.87
N ASN A 64 8.84 -1.08 18.60
CA ASN A 64 7.77 -0.10 18.32
C ASN A 64 6.42 -0.76 17.93
N VAL A 65 6.22 -2.03 18.36
CA VAL A 65 4.97 -2.77 18.18
C VAL A 65 4.23 -2.86 19.51
N GLU A 66 2.93 -2.59 19.46
CA GLU A 66 2.02 -2.68 20.58
C GLU A 66 0.92 -3.69 20.17
N VAL A 67 0.79 -4.79 20.89
CA VAL A 67 -0.23 -5.78 20.58
C VAL A 67 -1.47 -5.50 21.45
N VAL A 68 -2.63 -5.30 20.82
CA VAL A 68 -3.87 -4.99 21.53
C VAL A 68 -5.03 -5.80 20.92
N GLY A 69 -5.96 -6.23 21.74
CA GLY A 69 -7.19 -6.92 21.31
C GLY A 69 -8.29 -5.88 21.18
N PHE A 70 -9.26 -6.08 20.27
CA PHE A 70 -10.37 -5.11 20.12
C PHE A 70 -11.61 -5.77 19.54
N SER A 71 -12.79 -5.29 19.94
CA SER A 71 -14.06 -5.78 19.44
C SER A 71 -14.77 -4.65 18.70
N ASP A 72 -14.14 -3.48 18.71
CA ASP A 72 -14.66 -2.28 18.06
C ASP A 72 -14.71 -2.35 16.56
N LEU A 73 -15.48 -1.40 15.98
CA LEU A 73 -15.50 -1.09 14.58
C LEU A 73 -14.07 -0.55 14.32
N MET A 74 -13.44 -1.01 13.22
CA MET A 74 -12.10 -0.58 12.82
C MET A 74 -11.88 0.92 12.91
N ALA A 75 -12.71 1.71 12.21
CA ALA A 75 -12.59 3.15 12.16
C ALA A 75 -12.57 3.76 13.58
N ASN A 76 -13.44 3.27 14.49
CA ASN A 76 -13.52 3.74 15.88
C ASN A 76 -12.26 3.46 16.68
N PHE A 77 -11.78 2.20 16.65
CA PHE A 77 -10.55 1.78 17.33
C PHE A 77 -9.35 2.55 16.81
N ALA A 78 -9.28 2.81 15.50
CA ALA A 78 -8.18 3.57 14.88
C ALA A 78 -8.20 5.04 15.32
N ARG A 79 -9.40 5.64 15.38
CA ARG A 79 -9.53 7.02 15.86
C ARG A 79 -9.14 7.07 17.32
N ASN A 80 -9.66 6.11 18.11
CA ASN A 80 -9.41 6.04 19.55
C ASN A 80 -7.95 5.81 19.88
N GLN A 81 -7.22 5.22 18.95
CA GLN A 81 -5.80 4.96 19.06
C GLN A 81 -4.94 6.06 18.43
N HIS A 82 -5.58 7.10 17.87
CA HIS A 82 -4.98 8.24 17.16
C HIS A 82 -4.04 7.79 16.02
N ALA A 83 -4.48 6.79 15.26
CA ALA A 83 -3.77 6.28 14.11
C ALA A 83 -4.39 6.88 12.87
N THR A 84 -3.56 7.07 11.84
CA THR A 84 -3.94 7.71 10.59
C THR A 84 -3.55 6.81 9.44
N VAL A 85 -2.93 5.65 9.77
CA VAL A 85 -2.47 4.68 8.78
C VAL A 85 -3.02 3.32 9.19
N LEU A 86 -3.58 2.59 8.21
CA LEU A 86 -4.08 1.25 8.39
C LEU A 86 -3.29 0.29 7.48
N ILE A 87 -2.52 -0.64 8.07
CA ILE A 87 -1.70 -1.58 7.32
C ILE A 87 -2.43 -2.86 6.97
N ARG A 88 -2.32 -3.27 5.70
CA ARG A 88 -2.84 -4.52 5.14
C ARG A 88 -1.72 -5.13 4.35
N GLY A 89 -1.72 -6.45 4.27
CA GLY A 89 -0.75 -7.19 3.48
C GLY A 89 -1.37 -7.59 2.17
N LEU A 90 -0.60 -7.65 1.10
CA LEU A 90 -1.14 -8.07 -0.19
C LEU A 90 -0.80 -9.49 -0.49
N ARG A 91 -1.80 -10.32 -0.73
CA ARG A 91 -1.51 -11.70 -1.06
C ARG A 91 -1.99 -12.00 -2.48
N ALA A 92 -3.20 -12.54 -2.59
CA ALA A 92 -3.86 -12.95 -3.82
C ALA A 92 -4.90 -11.91 -4.27
N VAL A 93 -5.32 -11.98 -5.55
CA VAL A 93 -6.36 -11.13 -6.17
C VAL A 93 -7.66 -11.20 -5.33
N ALA A 94 -8.07 -12.41 -4.89
CA ALA A 94 -9.29 -12.64 -4.08
C ALA A 94 -9.19 -11.89 -2.78
N ASP A 95 -7.98 -11.80 -2.18
CA ASP A 95 -7.75 -11.02 -0.95
C ASP A 95 -7.87 -9.53 -1.29
N PHE A 96 -7.18 -9.08 -2.34
CA PHE A 96 -7.14 -7.71 -2.85
C PHE A 96 -8.54 -7.07 -3.06
N GLU A 97 -9.46 -7.79 -3.72
CA GLU A 97 -10.83 -7.38 -3.99
C GLU A 97 -11.59 -7.07 -2.69
N TYR A 98 -11.53 -7.99 -1.71
CA TYR A 98 -12.15 -7.81 -0.41
C TYR A 98 -11.48 -6.65 0.31
N GLU A 99 -10.13 -6.56 0.24
CA GLU A 99 -9.35 -5.47 0.84
C GLU A 99 -9.75 -4.08 0.31
N MET A 100 -10.11 -3.97 -0.98
N MET A 100 -10.09 -3.97 -0.99
CA MET A 100 -10.55 -2.71 -1.59
CA MET A 100 -10.55 -2.72 -1.61
C MET A 100 -11.90 -2.31 -1.02
C MET A 100 -11.89 -2.32 -1.04
N GLN A 101 -12.80 -3.29 -0.81
CA GLN A 101 -14.13 -3.07 -0.25
C GLN A 101 -14.02 -2.59 1.18
N LEU A 102 -13.15 -3.25 1.97
CA LEU A 102 -12.91 -2.85 3.35
C LEU A 102 -12.32 -1.46 3.40
N ALA A 103 -11.32 -1.18 2.53
CA ALA A 103 -10.63 0.11 2.52
C ALA A 103 -11.56 1.28 2.15
N HIS A 104 -12.47 1.07 1.19
CA HIS A 104 -13.46 2.08 0.81
C HIS A 104 -14.49 2.30 1.92
N MET A 105 -14.86 1.22 2.63
CA MET A 105 -15.78 1.30 3.74
C MET A 105 -15.13 2.08 4.90
N ASN A 106 -13.92 1.69 5.28
CA ASN A 106 -13.12 2.33 6.30
C ASN A 106 -12.87 3.80 6.01
N ARG A 107 -12.72 4.16 4.73
CA ARG A 107 -12.52 5.53 4.28
C ARG A 107 -13.80 6.34 4.47
N HIS A 108 -14.97 5.72 4.18
CA HIS A 108 -16.28 6.34 4.38
C HIS A 108 -16.48 6.65 5.88
N LEU A 109 -16.10 5.70 6.72
CA LEU A 109 -16.24 5.77 8.17
C LEU A 109 -15.23 6.73 8.81
N MET A 110 -13.98 6.73 8.31
CA MET A 110 -12.90 7.59 8.82
C MET A 110 -12.00 8.01 7.65
N PRO A 111 -12.34 9.12 6.95
CA PRO A 111 -11.51 9.56 5.81
C PRO A 111 -10.04 9.86 6.12
N GLU A 112 -9.72 10.29 7.37
CA GLU A 112 -8.34 10.58 7.76
C GLU A 112 -7.49 9.31 8.04
N LEU A 113 -8.09 8.11 7.90
CA LEU A 113 -7.37 6.86 8.13
C LEU A 113 -7.01 6.31 6.76
N GLU A 114 -5.73 6.38 6.44
CA GLU A 114 -5.25 5.97 5.13
C GLU A 114 -4.87 4.51 5.08
N SER A 115 -5.53 3.73 4.21
CA SER A 115 -5.17 2.32 4.04
C SER A 115 -3.89 2.20 3.20
N VAL A 116 -2.92 1.43 3.70
CA VAL A 116 -1.65 1.20 2.99
C VAL A 116 -1.45 -0.29 2.82
N PHE A 117 -1.06 -0.71 1.64
CA PHE A 117 -0.84 -2.12 1.40
C PHE A 117 0.63 -2.40 1.29
N LEU A 118 1.09 -3.36 2.07
CA LEU A 118 2.49 -3.79 2.06
C LEU A 118 2.54 -5.15 1.43
N MET A 119 3.65 -5.48 0.78
CA MET A 119 3.77 -6.76 0.09
C MET A 119 4.73 -7.70 0.85
N PRO A 120 4.31 -8.91 1.23
CA PRO A 120 5.23 -9.79 1.97
C PRO A 120 6.31 -10.38 1.07
N SER A 121 7.28 -11.05 1.71
CA SER A 121 8.33 -11.79 1.01
C SER A 121 7.65 -12.86 0.14
N LYS A 122 8.28 -13.24 -0.99
CA LYS A 122 7.82 -14.34 -1.85
C LYS A 122 7.58 -15.60 -0.98
N GLU A 123 8.45 -15.77 0.04
CA GLU A 123 8.42 -16.85 1.04
C GLU A 123 7.06 -17.07 1.70
N TRP A 124 6.33 -15.97 1.99
CA TRP A 124 5.04 -16.00 2.68
C TRP A 124 3.85 -15.62 1.79
N SER A 125 4.10 -15.45 0.49
CA SER A 125 3.11 -15.03 -0.50
C SER A 125 2.02 -16.04 -0.80
N PHE A 126 2.15 -17.30 -0.32
CA PHE A 126 1.19 -18.37 -0.59
C PHE A 126 0.64 -19.02 0.65
N ILE A 127 0.85 -18.40 1.82
CA ILE A 127 0.35 -18.94 3.10
C ILE A 127 -0.72 -18.06 3.72
N SER A 128 -1.49 -18.65 4.62
CA SER A 128 -2.56 -18.02 5.38
C SER A 128 -2.66 -18.80 6.68
N SER A 129 -3.25 -18.18 7.71
CA SER A 129 -3.47 -18.83 9.01
C SER A 129 -4.31 -20.12 8.80
N SER A 130 -5.33 -20.03 7.91
CA SER A 130 -6.25 -21.09 7.53
C SER A 130 -5.54 -22.30 6.92
N LEU A 131 -4.67 -22.07 5.93
CA LEU A 131 -3.90 -23.13 5.29
C LEU A 131 -2.91 -23.81 6.26
N VAL A 132 -2.23 -23.02 7.10
CA VAL A 132 -1.28 -23.56 8.09
C VAL A 132 -2.05 -24.48 9.10
N LYS A 133 -3.22 -24.02 9.59
CA LYS A 133 -4.06 -24.81 10.50
C LYS A 133 -4.49 -26.13 9.84
N GLU A 134 -4.90 -26.06 8.57
CA GLU A 134 -5.31 -27.22 7.77
C GLU A 134 -4.19 -28.26 7.64
N VAL A 135 -2.93 -27.81 7.38
CA VAL A 135 -1.75 -28.67 7.28
C VAL A 135 -1.51 -29.36 8.65
N ALA A 136 -1.56 -28.54 9.73
CA ALA A 136 -1.37 -29.00 11.10
C ALA A 136 -2.45 -30.01 11.56
N ARG A 137 -3.71 -29.83 11.10
CA ARG A 137 -4.83 -30.74 11.40
C ARG A 137 -4.56 -32.11 10.82
N HIS A 138 -3.73 -32.19 9.77
CA HIS A 138 -3.34 -33.44 9.12
C HIS A 138 -1.94 -33.88 9.53
N GLN A 139 -1.42 -33.29 10.63
CA GLN A 139 -0.14 -33.60 11.28
C GLN A 139 1.08 -33.24 10.42
N GLY A 140 0.86 -32.34 9.46
CA GLY A 140 1.91 -31.84 8.59
C GLY A 140 2.81 -30.85 9.30
N ASP A 141 4.08 -30.80 8.87
CA ASP A 141 5.12 -29.94 9.41
C ASP A 141 4.91 -28.47 9.00
N VAL A 142 4.56 -27.64 9.99
CA VAL A 142 4.31 -26.20 9.80
C VAL A 142 5.33 -25.35 10.52
N THR A 143 6.45 -25.94 10.95
CA THR A 143 7.48 -25.22 11.72
C THR A 143 8.00 -24.02 10.95
N HIS A 144 8.16 -24.16 9.62
CA HIS A 144 8.68 -23.11 8.75
C HIS A 144 7.80 -21.85 8.64
N PHE A 145 6.49 -21.99 8.80
CA PHE A 145 5.54 -20.88 8.62
C PHE A 145 5.19 -20.11 9.85
N LEU A 146 5.63 -20.58 11.01
CA LEU A 146 5.22 -19.97 12.26
C LEU A 146 6.33 -19.61 13.22
N PRO A 147 6.12 -18.57 14.06
CA PRO A 147 7.08 -18.33 15.15
C PRO A 147 7.06 -19.54 16.09
N GLU A 148 8.20 -19.88 16.69
CA GLU A 148 8.37 -21.04 17.58
C GLU A 148 7.25 -21.18 18.63
N ASN A 149 6.93 -20.07 19.35
CA ASN A 149 5.90 -20.06 20.40
C ASN A 149 4.52 -20.43 19.83
N VAL A 150 4.23 -19.96 18.60
CA VAL A 150 2.99 -20.21 17.87
C VAL A 150 2.93 -21.66 17.44
N HIS A 151 4.06 -22.19 16.93
CA HIS A 151 4.16 -23.61 16.55
C HIS A 151 3.86 -24.51 17.75
N GLN A 152 4.48 -24.21 18.91
CA GLN A 152 4.27 -24.97 20.16
C GLN A 152 2.82 -24.94 20.61
N ALA A 153 2.15 -23.76 20.54
CA ALA A 153 0.75 -23.60 20.94
C ALA A 153 -0.19 -24.30 19.99
N LEU A 154 0.11 -24.28 18.68
CA LEU A 154 -0.70 -24.97 17.67
C LEU A 154 -0.64 -26.49 17.87
N MET A 155 0.57 -27.06 18.14
CA MET A 155 0.76 -28.49 18.41
C MET A 155 -0.03 -28.89 19.65
N ALA A 156 0.11 -28.12 20.74
CA ALA A 156 -0.59 -28.31 22.02
C ALA A 156 -2.11 -28.28 21.81
N LYS A 157 -2.61 -27.28 21.03
CA LYS A 157 -4.04 -27.14 20.71
C LYS A 157 -4.59 -28.36 19.97
N LEU A 158 -3.87 -28.84 18.94
CA LEU A 158 -4.29 -30.00 18.14
C LEU A 158 -4.10 -31.35 18.82
N ALA A 159 -3.33 -31.41 19.92
CA ALA A 159 -3.11 -32.66 20.65
C ALA A 159 -4.32 -33.01 21.51
N MET B 1 10.61 9.58 12.66
CA MET B 1 11.15 9.21 11.35
C MET B 1 10.81 10.24 10.24
N GLN B 2 11.85 10.82 9.59
CA GLN B 2 11.72 11.81 8.50
C GLN B 2 11.86 11.14 7.11
N LYS B 3 10.80 10.43 6.72
CA LYS B 3 10.65 9.66 5.52
C LYS B 3 10.62 10.44 4.22
N ARG B 4 11.40 9.97 3.25
CA ARG B 4 11.40 10.45 1.87
C ARG B 4 10.78 9.35 1.04
N ALA B 5 9.68 9.66 0.37
CA ALA B 5 8.97 8.72 -0.48
C ALA B 5 9.09 9.19 -1.94
N ILE B 6 9.03 8.25 -2.88
CA ILE B 6 9.07 8.51 -4.32
C ILE B 6 7.81 7.92 -4.93
N TYR B 7 7.18 8.68 -5.81
CA TYR B 7 6.01 8.30 -6.56
C TYR B 7 6.39 8.35 -8.06
N PRO B 8 6.93 7.24 -8.62
CA PRO B 8 7.32 7.27 -10.04
C PRO B 8 6.20 6.94 -11.02
N GLY B 9 6.42 7.30 -12.28
CA GLY B 9 5.47 7.04 -13.37
C GLY B 9 5.80 7.87 -14.59
N THR B 10 5.05 7.66 -15.66
CA THR B 10 5.18 8.40 -16.92
C THR B 10 4.42 9.74 -16.81
N PHE B 11 3.27 9.74 -16.14
CA PHE B 11 2.42 10.94 -15.93
C PHE B 11 2.24 11.67 -17.23
N ASP B 12 1.73 10.92 -18.24
CA ASP B 12 1.54 11.44 -19.60
C ASP B 12 0.06 11.50 -20.04
N PRO B 13 -0.74 12.48 -19.59
CA PRO B 13 -0.40 13.54 -18.63
C PRO B 13 -0.79 13.10 -17.20
N ILE B 14 -0.43 13.93 -16.20
CA ILE B 14 -0.84 13.74 -14.82
C ILE B 14 -2.39 13.91 -14.78
N THR B 15 -3.08 12.97 -14.11
CA THR B 15 -4.54 13.01 -14.03
C THR B 15 -4.96 13.29 -12.58
N ASN B 16 -6.28 13.41 -12.33
CA ASN B 16 -6.84 13.58 -11.00
C ASN B 16 -6.60 12.36 -10.11
N GLY B 17 -6.43 11.19 -10.73
CA GLY B 17 -6.08 9.94 -10.06
C GLY B 17 -4.69 9.99 -9.46
N HIS B 18 -3.72 10.54 -10.20
CA HIS B 18 -2.34 10.77 -9.75
C HIS B 18 -2.30 11.85 -8.66
N ILE B 19 -3.10 12.92 -8.78
CA ILE B 19 -3.17 13.99 -7.79
C ILE B 19 -3.69 13.40 -6.46
N ASP B 20 -4.74 12.56 -6.54
CA ASP B 20 -5.33 11.86 -5.42
C ASP B 20 -4.24 11.04 -4.66
N ILE B 21 -3.51 10.15 -5.38
CA ILE B 21 -2.43 9.32 -4.83
C ILE B 21 -1.31 10.15 -4.19
N VAL B 22 -0.80 11.16 -4.90
CA VAL B 22 0.29 11.99 -4.38
C VAL B 22 -0.18 12.81 -3.15
N THR B 23 -1.47 13.24 -3.10
CA THR B 23 -2.03 13.97 -1.95
C THR B 23 -2.07 13.05 -0.73
N ARG B 24 -2.49 11.79 -0.93
CA ARG B 24 -2.51 10.80 0.17
C ARG B 24 -1.08 10.54 0.66
N ALA B 25 -0.10 10.41 -0.26
CA ALA B 25 1.30 10.19 0.07
C ALA B 25 1.89 11.35 0.92
N THR B 26 1.54 12.61 0.61
CA THR B 26 2.02 13.79 1.34
C THR B 26 1.45 13.91 2.75
N GLN B 27 0.29 13.30 3.00
CA GLN B 27 -0.36 13.31 4.31
C GLN B 27 0.26 12.22 5.20
N MET B 28 1.02 11.30 4.60
CA MET B 28 1.65 10.17 5.28
C MET B 28 3.16 10.32 5.47
N PHE B 29 3.83 10.90 4.48
CA PHE B 29 5.29 11.01 4.46
C PHE B 29 5.74 12.47 4.38
N ASP B 30 6.88 12.77 5.03
CA ASP B 30 7.46 14.10 5.17
C ASP B 30 7.80 14.75 3.83
N HIS B 31 8.44 14.00 2.92
CA HIS B 31 8.81 14.51 1.61
C HIS B 31 8.45 13.51 0.53
N VAL B 32 7.74 13.98 -0.50
CA VAL B 32 7.32 13.12 -1.59
C VAL B 32 7.91 13.61 -2.90
N ILE B 33 8.72 12.75 -3.56
CA ILE B 33 9.28 13.06 -4.86
C ILE B 33 8.33 12.48 -5.90
N LEU B 34 7.68 13.35 -6.72
CA LEU B 34 6.85 12.85 -7.81
C LEU B 34 7.85 12.77 -8.97
N ALA B 35 8.25 11.53 -9.32
CA ALA B 35 9.32 11.25 -10.27
C ALA B 35 8.77 10.86 -11.61
N ILE B 36 9.04 11.72 -12.60
CA ILE B 36 8.53 11.55 -13.97
C ILE B 36 9.57 10.90 -14.82
N ALA B 37 9.25 9.71 -15.33
CA ALA B 37 10.15 8.95 -16.20
C ALA B 37 10.22 9.55 -17.59
N ALA B 38 11.43 9.66 -18.17
CA ALA B 38 11.60 10.15 -19.55
C ALA B 38 10.73 9.30 -20.51
N SER B 39 10.67 7.95 -20.27
CA SER B 39 9.86 6.94 -20.96
C SER B 39 9.78 7.08 -22.47
N PRO B 40 10.93 7.08 -23.19
CA PRO B 40 10.87 7.24 -24.67
C PRO B 40 10.26 6.05 -25.42
N SER B 41 10.29 4.83 -24.81
CA SER B 41 9.76 3.57 -25.38
C SER B 41 8.25 3.64 -25.60
N LYS B 42 7.54 4.32 -24.68
CA LYS B 42 6.09 4.52 -24.72
C LYS B 42 5.71 5.57 -25.74
N LYS B 43 6.69 6.41 -26.21
CA LYS B 43 6.52 7.55 -27.14
C LYS B 43 5.42 8.47 -26.56
N PRO B 44 5.75 9.24 -25.50
CA PRO B 44 4.70 10.02 -24.82
C PRO B 44 4.14 11.18 -25.62
N MET B 45 2.85 11.53 -25.36
CA MET B 45 2.17 12.66 -25.99
C MET B 45 2.88 13.96 -25.61
N PHE B 46 3.20 14.10 -24.32
CA PHE B 46 3.87 15.28 -23.78
C PHE B 46 5.34 14.98 -23.55
N THR B 47 6.19 15.94 -23.90
CA THR B 47 7.64 15.85 -23.68
C THR B 47 7.88 15.78 -22.17
N LEU B 48 9.09 15.40 -21.73
CA LEU B 48 9.41 15.33 -20.31
C LEU B 48 9.27 16.72 -19.64
N GLU B 49 9.74 17.76 -20.33
CA GLU B 49 9.65 19.15 -19.85
C GLU B 49 8.19 19.57 -19.63
N GLU B 50 7.30 19.22 -20.59
CA GLU B 50 5.86 19.49 -20.50
C GLU B 50 5.24 18.75 -19.32
N ARG B 51 5.53 17.45 -19.18
CA ARG B 51 4.99 16.61 -18.10
C ARG B 51 5.43 17.09 -16.73
N VAL B 52 6.73 17.47 -16.59
CA VAL B 52 7.27 18.04 -15.35
C VAL B 52 6.55 19.39 -15.02
N ALA B 53 6.47 20.32 -16.01
CA ALA B 53 5.80 21.62 -15.82
C ALA B 53 4.34 21.44 -15.45
N LEU B 54 3.61 20.51 -16.13
CA LEU B 54 2.20 20.26 -15.82
C LEU B 54 2.01 19.73 -14.41
N ALA B 55 2.87 18.76 -13.98
CA ALA B 55 2.80 18.15 -12.66
C ALA B 55 3.20 19.14 -11.57
N GLN B 56 4.20 20.00 -11.84
CA GLN B 56 4.65 21.04 -10.92
C GLN B 56 3.49 21.96 -10.59
N GLN B 57 2.83 22.51 -11.62
CA GLN B 57 1.66 23.38 -11.48
C GLN B 57 0.45 22.66 -10.82
N ALA B 58 0.18 21.41 -11.19
CA ALA B 58 -0.95 20.65 -10.60
C ALA B 58 -0.71 20.21 -9.12
N THR B 59 0.53 20.29 -8.63
CA THR B 59 0.85 19.88 -7.25
C THR B 59 1.40 21.04 -6.41
N ALA B 60 1.49 22.26 -7.00
CA ALA B 60 2.03 23.48 -6.38
C ALA B 60 1.47 23.79 -4.99
N HIS B 61 0.18 23.45 -4.74
CA HIS B 61 -0.54 23.65 -3.47
C HIS B 61 -0.07 22.67 -2.38
N LEU B 62 0.71 21.65 -2.75
CA LEU B 62 1.25 20.64 -1.83
C LEU B 62 2.73 20.99 -1.55
N GLY B 63 2.96 21.56 -0.37
CA GLY B 63 4.27 22.02 0.05
C GLY B 63 5.39 20.99 0.17
N ASN B 64 5.05 19.71 0.37
CA ASN B 64 6.09 18.69 0.55
C ASN B 64 6.25 17.75 -0.67
N VAL B 65 5.85 18.25 -1.87
CA VAL B 65 6.01 17.55 -3.14
C VAL B 65 7.14 18.22 -3.94
N GLU B 66 8.02 17.40 -4.49
CA GLU B 66 9.12 17.80 -5.34
C GLU B 66 8.89 17.08 -6.68
N VAL B 67 8.66 17.83 -7.76
CA VAL B 67 8.49 17.22 -9.07
C VAL B 67 9.84 17.19 -9.78
N VAL B 68 10.28 15.99 -10.17
CA VAL B 68 11.58 15.83 -10.83
C VAL B 68 11.45 14.83 -11.98
N GLY B 69 12.22 15.04 -13.03
CA GLY B 69 12.31 14.11 -14.15
C GLY B 69 13.46 13.15 -13.91
N PHE B 70 13.40 11.92 -14.45
CA PHE B 70 14.49 10.96 -14.33
C PHE B 70 14.51 10.01 -15.52
N SER B 71 15.71 9.57 -15.91
CA SER B 71 15.88 8.67 -17.05
C SER B 71 16.46 7.32 -16.62
N ASP B 72 16.95 7.17 -15.37
CA ASP B 72 17.52 5.88 -14.97
C ASP B 72 16.45 4.82 -14.74
N LEU B 73 16.90 3.67 -14.24
CA LEU B 73 16.06 2.65 -13.69
C LEU B 73 15.48 3.41 -12.47
N MET B 74 14.19 3.24 -12.18
CA MET B 74 13.58 3.94 -11.07
C MET B 74 14.37 3.74 -9.76
N ALA B 75 14.74 2.49 -9.45
CA ALA B 75 15.43 2.08 -8.23
C ALA B 75 16.81 2.76 -8.12
N ASN B 76 17.50 2.96 -9.25
CA ASN B 76 18.80 3.64 -9.30
C ASN B 76 18.61 5.10 -8.90
N PHE B 77 17.53 5.72 -9.40
CA PHE B 77 17.20 7.10 -9.09
C PHE B 77 16.80 7.24 -7.61
N ALA B 78 15.88 6.39 -7.15
CA ALA B 78 15.37 6.31 -5.77
C ALA B 78 16.51 6.16 -4.75
N ARG B 79 17.52 5.30 -5.05
CA ARG B 79 18.69 5.12 -4.20
C ARG B 79 19.50 6.42 -4.08
N ASN B 80 19.71 7.13 -5.21
CA ASN B 80 20.44 8.41 -5.23
C ASN B 80 19.66 9.56 -4.58
N GLN B 81 18.35 9.40 -4.45
CA GLN B 81 17.45 10.38 -3.85
C GLN B 81 17.22 10.13 -2.35
N HIS B 82 17.84 9.05 -1.82
CA HIS B 82 17.72 8.59 -0.42
C HIS B 82 16.24 8.38 -0.02
N ALA B 83 15.46 7.75 -0.94
CA ALA B 83 14.05 7.42 -0.69
C ALA B 83 13.99 5.96 -0.17
N THR B 84 13.18 5.71 0.87
CA THR B 84 13.04 4.38 1.45
C THR B 84 11.59 3.91 1.27
N VAL B 85 10.74 4.77 0.70
CA VAL B 85 9.32 4.47 0.47
C VAL B 85 9.00 4.71 -1.01
N LEU B 86 8.37 3.68 -1.63
CA LEU B 86 7.96 3.68 -3.02
C LEU B 86 6.44 3.61 -3.11
N ILE B 87 5.84 4.71 -3.58
CA ILE B 87 4.40 4.87 -3.70
C ILE B 87 3.89 4.30 -4.99
N ARG B 88 2.85 3.44 -4.88
CA ARG B 88 2.11 2.88 -6.03
C ARG B 88 0.63 3.02 -5.75
N GLY B 89 -0.15 3.33 -6.79
CA GLY B 89 -1.59 3.44 -6.71
C GLY B 89 -2.23 2.16 -7.18
N LEU B 90 -3.14 1.59 -6.41
CA LEU B 90 -3.79 0.37 -6.83
C LEU B 90 -5.23 0.68 -7.11
N ARG B 91 -5.64 0.61 -8.39
CA ARG B 91 -7.04 0.87 -8.78
C ARG B 91 -7.87 -0.41 -8.86
N ALA B 92 -7.35 -1.44 -9.56
CA ALA B 92 -8.04 -2.70 -9.82
C ALA B 92 -7.06 -3.89 -10.00
N VAL B 93 -7.60 -5.11 -10.15
CA VAL B 93 -6.95 -6.42 -10.26
C VAL B 93 -5.79 -6.45 -11.28
N ALA B 94 -5.99 -5.86 -12.46
CA ALA B 94 -4.99 -5.82 -13.54
C ALA B 94 -3.74 -5.05 -13.09
N ASP B 95 -3.96 -3.95 -12.33
CA ASP B 95 -2.90 -3.15 -11.72
C ASP B 95 -2.13 -4.08 -10.82
N PHE B 96 -2.84 -4.67 -9.83
CA PHE B 96 -2.34 -5.58 -8.81
C PHE B 96 -1.27 -6.56 -9.31
N GLU B 97 -1.59 -7.38 -10.33
CA GLU B 97 -0.69 -8.39 -10.90
C GLU B 97 0.65 -7.83 -11.33
N TYR B 98 0.63 -6.80 -12.22
CA TYR B 98 1.84 -6.16 -12.73
C TYR B 98 2.59 -5.46 -11.63
N GLU B 99 1.86 -4.77 -10.74
CA GLU B 99 2.44 -4.06 -9.59
C GLU B 99 3.20 -4.99 -8.64
N MET B 100 2.73 -6.25 -8.45
N MET B 100 2.73 -6.23 -8.45
CA MET B 100 3.43 -7.24 -7.61
CA MET B 100 3.40 -7.24 -7.60
C MET B 100 4.74 -7.65 -8.22
C MET B 100 4.73 -7.65 -8.21
N GLN B 101 4.75 -7.82 -9.56
CA GLN B 101 5.95 -8.18 -10.33
C GLN B 101 6.98 -7.08 -10.24
N LEU B 102 6.53 -5.82 -10.43
CA LEU B 102 7.40 -4.65 -10.32
C LEU B 102 7.93 -4.53 -8.92
N ALA B 103 7.07 -4.70 -7.90
CA ALA B 103 7.46 -4.55 -6.50
C ALA B 103 8.50 -5.57 -6.05
N HIS B 104 8.37 -6.84 -6.51
CA HIS B 104 9.35 -7.87 -6.22
C HIS B 104 10.68 -7.60 -6.94
N MET B 105 10.62 -7.09 -8.16
CA MET B 105 11.80 -6.73 -8.94
C MET B 105 12.51 -5.56 -8.25
N ASN B 106 11.77 -4.49 -7.91
CA ASN B 106 12.28 -3.30 -7.23
C ASN B 106 12.90 -3.64 -5.90
N ARG B 107 12.36 -4.65 -5.20
CA ARG B 107 12.86 -5.12 -3.91
C ARG B 107 14.18 -5.86 -4.11
N HIS B 108 14.30 -6.65 -5.20
CA HIS B 108 15.55 -7.33 -5.56
C HIS B 108 16.64 -6.29 -5.84
N LEU B 109 16.29 -5.24 -6.57
CA LEU B 109 17.18 -4.17 -6.98
C LEU B 109 17.58 -3.28 -5.83
N MET B 110 16.60 -2.96 -4.95
CA MET B 110 16.83 -2.08 -3.82
C MET B 110 15.99 -2.55 -2.63
N PRO B 111 16.50 -3.51 -1.81
CA PRO B 111 15.69 -4.00 -0.67
C PRO B 111 15.30 -2.95 0.35
N GLU B 112 16.08 -1.85 0.49
CA GLU B 112 15.80 -0.79 1.44
C GLU B 112 14.68 0.17 0.95
N LEU B 113 14.13 -0.06 -0.26
CA LEU B 113 13.04 0.75 -0.79
C LEU B 113 11.76 -0.06 -0.61
N GLU B 114 10.91 0.39 0.30
CA GLU B 114 9.69 -0.34 0.58
C GLU B 114 8.54 0.11 -0.29
N SER B 115 7.96 -0.85 -1.07
CA SER B 115 6.78 -0.53 -1.90
C SER B 115 5.54 -0.44 -1.00
N VAL B 116 4.78 0.66 -1.14
CA VAL B 116 3.53 0.86 -0.42
C VAL B 116 2.42 1.10 -1.43
N PHE B 117 1.29 0.47 -1.25
CA PHE B 117 0.19 0.66 -2.19
C PHE B 117 -0.90 1.49 -1.55
N LEU B 118 -1.26 2.57 -2.23
CA LEU B 118 -2.30 3.49 -1.79
C LEU B 118 -3.50 3.26 -2.70
N MET B 119 -4.69 3.48 -2.19
CA MET B 119 -5.90 3.28 -2.95
C MET B 119 -6.55 4.62 -3.33
N PRO B 120 -6.80 4.89 -4.62
CA PRO B 120 -7.44 6.18 -4.95
C PRO B 120 -8.93 6.18 -4.61
N SER B 121 -9.54 7.37 -4.71
CA SER B 121 -10.96 7.56 -4.55
C SER B 121 -11.68 6.68 -5.59
N LYS B 122 -12.90 6.22 -5.27
CA LYS B 122 -13.77 5.47 -6.21
C LYS B 122 -13.88 6.26 -7.51
N GLU B 123 -13.89 7.62 -7.39
CA GLU B 123 -13.98 8.59 -8.47
C GLU B 123 -12.94 8.38 -9.58
N TRP B 124 -11.70 8.00 -9.21
CA TRP B 124 -10.57 7.82 -10.13
C TRP B 124 -10.15 6.36 -10.32
N SER B 125 -10.93 5.43 -9.74
CA SER B 125 -10.63 3.98 -9.76
C SER B 125 -10.76 3.31 -11.13
N PHE B 126 -11.30 4.01 -12.14
CA PHE B 126 -11.54 3.44 -13.46
C PHE B 126 -10.88 4.21 -14.60
N ILE B 127 -9.97 5.15 -14.27
CA ILE B 127 -9.28 5.96 -15.27
C ILE B 127 -7.79 5.69 -15.34
N SER B 128 -7.17 6.09 -16.45
CA SER B 128 -5.74 6.02 -16.70
C SER B 128 -5.40 7.16 -17.65
N SER B 129 -4.12 7.57 -17.70
CA SER B 129 -3.65 8.60 -18.64
C SER B 129 -4.01 8.19 -20.10
N SER B 130 -3.81 6.90 -20.41
CA SER B 130 -4.04 6.26 -21.70
C SER B 130 -5.49 6.38 -22.14
N LEU B 131 -6.44 6.01 -21.27
CA LEU B 131 -7.87 6.09 -21.55
C LEU B 131 -8.33 7.55 -21.74
N VAL B 132 -7.85 8.47 -20.90
CA VAL B 132 -8.20 9.90 -20.96
C VAL B 132 -7.76 10.46 -22.32
N LYS B 133 -6.50 10.17 -22.72
CA LYS B 133 -5.95 10.64 -24.00
C LYS B 133 -6.76 10.09 -25.17
N GLU B 134 -7.10 8.80 -25.13
CA GLU B 134 -7.88 8.13 -26.16
C GLU B 134 -9.25 8.76 -26.36
N VAL B 135 -9.94 9.04 -25.26
CA VAL B 135 -11.26 9.70 -25.27
C VAL B 135 -11.11 11.13 -25.82
N ALA B 136 -10.07 11.85 -25.38
CA ALA B 136 -9.79 13.21 -25.84
C ALA B 136 -9.50 13.26 -27.36
N ARG B 137 -8.70 12.31 -27.88
CA ARG B 137 -8.36 12.13 -29.31
C ARG B 137 -9.60 11.93 -30.14
N HIS B 138 -10.58 11.20 -29.58
CA HIS B 138 -11.84 10.89 -30.24
C HIS B 138 -12.94 11.91 -29.97
N GLN B 139 -12.57 13.11 -29.47
CA GLN B 139 -13.51 14.21 -29.24
C GLN B 139 -14.53 13.93 -28.11
N GLY B 140 -14.03 13.29 -27.03
CA GLY B 140 -14.80 13.05 -25.83
C GLY B 140 -14.36 14.02 -24.75
N ASP B 141 -15.27 14.38 -23.84
CA ASP B 141 -15.01 15.28 -22.73
C ASP B 141 -14.23 14.63 -21.58
N VAL B 142 -13.00 15.08 -21.33
CA VAL B 142 -12.17 14.56 -20.25
C VAL B 142 -11.90 15.60 -19.14
N THR B 143 -12.59 16.75 -19.15
CA THR B 143 -12.43 17.86 -18.17
C THR B 143 -12.47 17.39 -16.72
N HIS B 144 -13.37 16.45 -16.42
CA HIS B 144 -13.54 15.93 -15.08
C HIS B 144 -12.34 15.13 -14.52
N PHE B 145 -11.54 14.54 -15.38
CA PHE B 145 -10.43 13.68 -14.99
C PHE B 145 -9.12 14.36 -14.84
N LEU B 146 -9.03 15.65 -15.20
CA LEU B 146 -7.74 16.34 -15.22
C LEU B 146 -7.68 17.67 -14.49
N PRO B 147 -6.49 18.03 -13.97
CA PRO B 147 -6.32 19.39 -13.42
C PRO B 147 -6.53 20.37 -14.57
N GLU B 148 -7.06 21.56 -14.27
CA GLU B 148 -7.36 22.62 -15.25
C GLU B 148 -6.22 22.89 -16.24
N ASN B 149 -4.97 23.07 -15.71
CA ASN B 149 -3.79 23.35 -16.52
C ASN B 149 -3.50 22.22 -17.52
N VAL B 150 -3.73 20.96 -17.08
CA VAL B 150 -3.55 19.75 -17.86
C VAL B 150 -4.62 19.67 -18.95
N HIS B 151 -5.87 19.99 -18.59
CA HIS B 151 -6.96 20.03 -19.56
C HIS B 151 -6.67 21.05 -20.69
N GLN B 152 -6.22 22.26 -20.32
CA GLN B 152 -5.84 23.31 -21.27
C GLN B 152 -4.71 22.87 -22.22
N ALA B 153 -3.68 22.19 -21.68
CA ALA B 153 -2.54 21.71 -22.47
C ALA B 153 -2.94 20.55 -23.38
N LEU B 154 -3.86 19.67 -22.91
CA LEU B 154 -4.35 18.55 -23.71
C LEU B 154 -5.15 19.07 -24.90
N MET B 155 -6.02 20.08 -24.69
CA MET B 155 -6.82 20.71 -25.77
C MET B 155 -5.90 21.34 -26.80
N ALA B 156 -4.91 22.13 -26.34
CA ALA B 156 -3.91 22.80 -27.17
C ALA B 156 -3.11 21.76 -27.98
N LYS B 157 -2.69 20.65 -27.34
CA LYS B 157 -1.94 19.55 -27.98
C LYS B 157 -2.75 18.92 -29.11
N LEU B 158 -4.03 18.59 -28.85
CA LEU B 158 -4.89 17.95 -29.83
C LEU B 158 -5.40 18.87 -30.93
N ALA B 159 -5.31 20.19 -30.75
CA ALA B 159 -5.74 21.15 -31.77
C ALA B 159 -4.71 21.21 -32.93
N VAL B 160 -3.42 20.97 -32.61
CA VAL B 160 -2.26 20.97 -33.50
C VAL B 160 -1.59 19.60 -33.60
C1 F1V C . -10.04 -4.53 8.81
C2 F1V C . -9.43 -5.76 8.54
C3 F1V C . -9.65 -6.84 9.37
O1 F1V C . -14.61 -2.43 11.11
C11 F1V C . -15.00 -4.98 8.51
C12 F1V C . -16.85 -3.47 9.23
C13 F1V C . -14.79 -2.51 8.26
C14 F1V C . -11.09 -5.44 10.77
C15 F1V C . -10.89 -4.36 9.91
C9 F1V C . -14.80 -3.52 10.57
C10 F1V C . -15.35 -3.62 9.15
N1 F1V C . -14.58 -4.68 11.20
C8 F1V C . -14.13 -4.76 12.59
C7 F1V C . -12.63 -4.54 12.70
C6 F1V C . -11.83 -5.61 11.99
O F1V C . -9.89 -3.38 8.10
C F1V C . -9.02 -3.39 6.98
C4 F1V C . -10.47 -6.67 10.48
N F1V C . -10.83 -7.55 11.48
C5 F1V C . -11.65 -6.90 12.38
S SO4 D . -4.28 -14.59 7.06
O1 SO4 D . -5.27 -15.16 6.15
O2 SO4 D . -4.91 -14.45 8.35
O3 SO4 D . -3.12 -15.44 7.21
O4 SO4 D . -3.81 -13.29 6.56
S SO4 E . 11.24 -11.01 -1.44
O1 SO4 E . 10.04 -10.28 -1.79
O2 SO4 E . 11.02 -12.38 -1.83
O3 SO4 E . 12.43 -10.48 -2.09
O4 SO4 E . 11.50 -10.95 -0.02
S SO4 F . -17.90 -10.14 14.52
O1 SO4 F . -18.80 -11.07 15.21
O2 SO4 F . -18.72 -9.18 13.78
O3 SO4 F . -17.06 -9.44 15.48
O4 SO4 F . -17.04 -10.86 13.60
C1 F1V G . 8.10 2.09 -11.74
C2 F1V G . 6.77 2.35 -12.11
C3 F1V G . 6.50 2.99 -13.31
O1 F1V G . 12.52 1.12 -13.45
C11 F1V G . 9.87 -0.78 -14.83
C12 F1V G . 12.14 -1.51 -15.53
C13 F1V G . 11.51 -1.49 -13.12
C14 F1V G . 8.90 3.15 -13.75
C15 F1V G . 9.17 2.49 -12.55
C9 F1V G . 11.85 0.70 -14.39
C10 F1V G . 11.35 -0.75 -14.46
N1 F1V G . 11.51 1.45 -15.45
C8 F1V G . 11.94 2.83 -15.65
C7 F1V G . 11.22 3.81 -14.74
C6 F1V G . 9.73 3.70 -14.78
O F1V G . 8.47 1.42 -10.60
C F1V G . 7.44 1.01 -9.70
C4 F1V G . 7.57 3.39 -14.12
N F1V G . 7.58 4.00 -15.35
C5 F1V G . 8.87 4.18 -15.75
S SO4 H . -1.84 5.63 -15.29
O1 SO4 H . -2.76 6.74 -15.43
O2 SO4 H . -2.34 4.43 -15.94
O3 SO4 H . -0.56 6.02 -15.87
O4 SO4 H . -1.65 5.37 -13.86
S SO4 I . -13.44 7.24 -1.75
O1 SO4 I . -14.38 6.95 -2.80
O2 SO4 I . -14.13 7.31 -0.46
O3 SO4 I . -12.86 8.56 -1.94
O4 SO4 I . -12.43 6.24 -1.73
#